data_4FA3
#
_entry.id   4FA3
#
_cell.length_a   57.127
_cell.length_b   63.469
_cell.length_c   96.445
_cell.angle_alpha   90.00
_cell.angle_beta   90.00
_cell.angle_gamma   90.00
#
_symmetry.space_group_name_H-M   'P 21 21 21'
#
loop_
_entity.id
_entity.type
_entity.pdbx_description
1 polymer 'Aldo-keto reductase family 1 member C3'
2 non-polymer 'NADP NICOTINAMIDE-ADENINE-DINUCLEOTIDE PHOSPHATE'
3 non-polymer '(3R)-1-(naphthalen-2-ylsulfonyl)piperidine-3-carboxylic acid'
4 non-polymer 1,2-ETHANEDIOL
5 non-polymer 'ACETATE ION'
6 water water
#
_entity_poly.entity_id   1
_entity_poly.type   'polypeptide(L)'
_entity_poly.pdbx_seq_one_letter_code
;MDSKHQCVKLNDGHFMPVLGFGTYAPPEVPRSKALEVTKLAIEAGFRHIDSAHLYNNEEQVGLAIRSKIADGSVKREDIF
YTSKLWSTFHRPELVRPALENSLKKAQLDYVDLYLIHSPMSLKPGEELSPTDENGKVIFDIVDLCTTWEAMEKCKDAGLA
KSIGVSNFNRRQLEMILNKPGLKYKPVCNQVECHPYFNRSKLLDFCKSKDIVLVAYSALGSQRDKRWVDPNSPVLLEDPV
LCALAKKHKRTPALIALRYQLQRGVVVLAKSYNEQRIRQNVQVFEFQLTAEDMKAIDGLDRNLHYFNSDSFASHPNYPYS
DEYLEHHHHHH
;
_entity_poly.pdbx_strand_id   A
#
loop_
_chem_comp.id
_chem_comp.type
_chem_comp.name
_chem_comp.formula
0SL non-polymer '(3R)-1-(naphthalen-2-ylsulfonyl)piperidine-3-carboxylic acid' 'C16 H17 N O4 S'
ACT non-polymer 'ACETATE ION' 'C2 H3 O2 -1'
EDO non-polymer 1,2-ETHANEDIOL 'C2 H6 O2'
NAP non-polymer 'NADP NICOTINAMIDE-ADENINE-DINUCLEOTIDE PHOSPHATE' 'C21 H28 N7 O17 P3'
#
# COMPACT_ATOMS: atom_id res chain seq x y z
N GLN A 6 -5.85 -0.71 17.07
CA GLN A 6 -4.43 -0.46 16.73
C GLN A 6 -4.28 0.39 15.41
N CYS A 7 -4.06 1.68 15.64
CA CYS A 7 -3.92 2.68 14.60
C CYS A 7 -2.61 3.40 14.85
N VAL A 8 -2.05 4.05 13.82
CA VAL A 8 -0.97 5.00 14.02
C VAL A 8 -1.44 6.42 13.66
N LYS A 9 -0.96 7.42 14.42
CA LYS A 9 -1.20 8.83 14.11
C LYS A 9 -0.40 9.38 12.90
N LEU A 10 -1.07 9.86 11.88
CA LEU A 10 -0.34 10.45 10.75
C LEU A 10 0.14 11.87 11.10
N ASN A 11 1.02 12.42 10.29
CA ASN A 11 1.61 13.72 10.57
C ASN A 11 0.68 14.95 10.31
N ASP A 12 -0.58 14.70 9.96
CA ASP A 12 -1.62 15.74 9.73
C ASP A 12 -2.71 15.56 10.78
N GLY A 13 -2.44 14.70 11.77
CA GLY A 13 -3.37 14.47 12.90
C GLY A 13 -4.46 13.44 12.67
N HIS A 14 -4.64 12.90 11.45
CA HIS A 14 -5.61 11.79 11.23
C HIS A 14 -4.94 10.45 11.62
N PHE A 15 -5.75 9.40 11.73
CA PHE A 15 -5.30 8.05 12.18
C PHE A 15 -5.47 7.00 11.09
N MET A 16 -4.47 6.12 10.92
CA MET A 16 -4.52 4.99 9.96
C MET A 16 -4.42 3.65 10.68
N PRO A 17 -5.32 2.69 10.41
CA PRO A 17 -5.16 1.43 11.06
C PRO A 17 -3.91 0.69 10.53
N VAL A 18 -3.19 -0.03 11.40
CA VAL A 18 -1.88 -0.56 11.03
C VAL A 18 -1.87 -1.81 10.09
N LEU A 19 -3.00 -2.50 9.98
CA LEU A 19 -3.20 -3.61 9.06
C LEU A 19 -4.20 -3.16 8.00
N GLY A 20 -3.85 -3.34 6.72
CA GLY A 20 -4.79 -3.07 5.62
C GLY A 20 -5.10 -4.25 4.73
N PHE A 21 -6.29 -4.24 4.15
CA PHE A 21 -6.65 -5.21 3.16
C PHE A 21 -6.28 -4.76 1.74
N GLY A 22 -5.57 -5.63 1.02
CA GLY A 22 -5.12 -5.35 -0.37
C GLY A 22 -6.09 -5.95 -1.35
N THR A 23 -6.58 -5.11 -2.27
CA THR A 23 -7.73 -5.44 -3.14
C THR A 23 -7.35 -5.82 -4.55
N TYR A 24 -6.11 -5.59 -5.00
CA TYR A 24 -5.74 -5.92 -6.38
C TYR A 24 -5.89 -7.43 -6.68
N ALA A 25 -6.55 -7.76 -7.79
CA ALA A 25 -6.43 -9.09 -8.37
C ALA A 25 -6.28 -8.96 -9.87
N PRO A 26 -5.57 -9.90 -10.50
CA PRO A 26 -5.33 -9.84 -11.99
C PRO A 26 -6.63 -9.86 -12.83
N PRO A 27 -6.57 -9.44 -14.09
CA PRO A 27 -7.79 -9.42 -14.92
C PRO A 27 -8.46 -10.77 -15.18
N GLU A 28 -7.83 -11.88 -14.76
CA GLU A 28 -8.44 -13.17 -14.95
C GLU A 28 -9.52 -13.44 -13.90
N VAL A 29 -9.50 -12.69 -12.81
CA VAL A 29 -10.48 -12.83 -11.73
C VAL A 29 -11.67 -11.85 -11.98
N PRO A 30 -12.91 -12.35 -11.91
CA PRO A 30 -14.00 -11.41 -12.15
C PRO A 30 -14.11 -10.28 -11.12
N ARG A 31 -14.48 -9.11 -11.64
CA ARG A 31 -14.83 -7.93 -10.92
C ARG A 31 -15.63 -8.25 -9.70
N SER A 32 -16.59 -9.15 -9.86
CA SER A 32 -17.53 -9.49 -8.80
C SER A 32 -16.84 -10.04 -7.54
N LYS A 33 -15.71 -10.71 -7.71
CA LYS A 33 -15.02 -11.24 -6.54
C LYS A 33 -14.60 -10.13 -5.55
N ALA A 34 -14.21 -8.95 -6.04
CA ALA A 34 -13.81 -7.87 -5.13
C ALA A 34 -14.87 -7.43 -4.11
N LEU A 35 -16.13 -7.30 -4.52
CA LEU A 35 -17.25 -7.03 -3.60
C LEU A 35 -17.31 -8.02 -2.42
N GLU A 36 -17.21 -9.30 -2.74
CA GLU A 36 -17.46 -10.38 -1.80
C GLU A 36 -16.29 -10.48 -0.77
N VAL A 37 -15.05 -10.39 -1.23
CA VAL A 37 -13.91 -10.56 -0.32
C VAL A 37 -13.74 -9.32 0.54
N THR A 38 -14.14 -8.16 0.04
CA THR A 38 -14.01 -6.94 0.80
C THR A 38 -14.95 -6.94 1.99
N LYS A 39 -16.15 -7.41 1.72
CA LYS A 39 -17.13 -7.68 2.79
C LYS A 39 -16.53 -8.63 3.83
N LEU A 40 -16.01 -9.76 3.38
CA LEU A 40 -15.39 -10.76 4.26
C LEU A 40 -14.27 -10.13 5.11
N ALA A 41 -13.46 -9.30 4.44
CA ALA A 41 -12.39 -8.55 5.08
C ALA A 41 -12.93 -7.75 6.24
N ILE A 42 -13.93 -6.91 5.98
CA ILE A 42 -14.48 -6.03 7.02
C ILE A 42 -15.10 -6.88 8.14
N GLU A 43 -15.80 -7.94 7.74
CA GLU A 43 -16.38 -8.91 8.69
C GLU A 43 -15.29 -9.54 9.64
N ALA A 44 -14.12 -9.87 9.11
CA ALA A 44 -13.04 -10.45 9.93
C ALA A 44 -12.31 -9.40 10.80
N GLY A 45 -12.45 -8.11 10.46
CA GLY A 45 -11.94 -7.01 11.29
C GLY A 45 -10.97 -6.03 10.64
N PHE A 46 -10.72 -6.18 9.35
CA PHE A 46 -9.90 -5.18 8.62
C PHE A 46 -10.68 -3.89 8.59
N ARG A 47 -10.05 -2.77 8.93
CA ARG A 47 -10.69 -1.46 8.84
C ARG A 47 -9.94 -0.51 7.84
N HIS A 48 -8.92 -1.05 7.19
CA HIS A 48 -8.07 -0.27 6.25
C HIS A 48 -8.15 -1.05 4.94
N ILE A 49 -8.70 -0.42 3.88
CA ILE A 49 -8.95 -1.07 2.62
C ILE A 49 -8.20 -0.27 1.51
N ASP A 50 -7.31 -0.95 0.79
CA ASP A 50 -6.38 -0.31 -0.19
C ASP A 50 -6.82 -0.58 -1.65
N SER A 51 -7.21 0.46 -2.35
CA SER A 51 -7.58 0.30 -3.72
C SER A 51 -6.85 1.37 -4.63
N ALA A 52 -7.27 1.51 -5.89
CA ALA A 52 -6.67 2.42 -6.85
C ALA A 52 -7.47 2.45 -8.15
N HIS A 53 -7.25 3.49 -8.94
CA HIS A 53 -7.83 3.57 -10.30
C HIS A 53 -7.34 2.44 -11.19
N LEU A 54 -6.07 2.13 -11.12
CA LEU A 54 -5.53 0.94 -11.78
C LEU A 54 -6.33 -0.38 -11.59
N TYR A 55 -6.91 -0.59 -10.41
CA TYR A 55 -7.36 -1.92 -10.04
C TYR A 55 -8.67 -2.34 -10.76
N ASN A 56 -9.38 -1.32 -11.27
CA ASN A 56 -10.67 -1.48 -11.95
C ASN A 56 -11.64 -2.23 -11.08
N ASN A 57 -11.64 -1.88 -9.80
CA ASN A 57 -12.49 -2.52 -8.80
C ASN A 57 -13.07 -1.51 -7.80
N GLU A 58 -12.86 -0.22 -8.03
CA GLU A 58 -13.34 0.79 -7.06
C GLU A 58 -14.87 0.76 -6.81
N GLU A 59 -15.64 0.34 -7.82
CA GLU A 59 -17.11 0.24 -7.71
C GLU A 59 -17.49 -0.87 -6.76
N GLN A 60 -16.84 -2.02 -6.92
CA GLN A 60 -17.10 -3.13 -6.00
C GLN A 60 -16.58 -2.92 -4.61
N VAL A 61 -15.46 -2.21 -4.47
CA VAL A 61 -14.89 -1.99 -3.14
C VAL A 61 -15.76 -0.95 -2.40
N GLY A 62 -16.18 0.10 -3.11
CA GLY A 62 -17.10 1.08 -2.58
C GLY A 62 -18.44 0.46 -2.17
N LEU A 63 -19.02 -0.37 -3.05
CA LEU A 63 -20.25 -1.10 -2.72
C LEU A 63 -20.16 -1.98 -1.45
N ALA A 64 -19.10 -2.76 -1.38
CA ALA A 64 -18.78 -3.56 -0.19
C ALA A 64 -18.72 -2.71 1.08
N ILE A 65 -18.01 -1.60 1.01
CA ILE A 65 -17.96 -0.69 2.13
C ILE A 65 -19.36 -0.11 2.49
N ARG A 66 -20.06 0.42 1.48
CA ARG A 66 -21.37 0.99 1.72
C ARG A 66 -22.38 -0.02 2.27
N SER A 67 -22.33 -1.22 1.72
CA SER A 67 -23.14 -2.32 2.22
C SER A 67 -22.92 -2.71 3.68
N LYS A 68 -21.68 -2.58 4.15
CA LYS A 68 -21.34 -2.96 5.52
C LYS A 68 -21.67 -1.80 6.47
N ILE A 69 -21.77 -0.59 5.92
CA ILE A 69 -22.28 0.56 6.65
C ILE A 69 -23.79 0.44 6.75
N ALA A 70 -24.44 0.05 5.63
CA ALA A 70 -25.92 0.06 5.59
C ALA A 70 -26.48 -1.14 6.42
N ASP A 71 -25.71 -2.19 6.58
CA ASP A 71 -26.15 -3.27 7.50
C ASP A 71 -25.79 -3.03 8.99
N GLY A 72 -25.18 -1.87 9.27
CA GLY A 72 -24.92 -1.39 10.65
C GLY A 72 -23.61 -1.81 11.29
N SER A 73 -22.94 -2.81 10.70
CA SER A 73 -21.64 -3.35 11.20
C SER A 73 -20.55 -2.30 11.55
N VAL A 74 -20.44 -1.24 10.74
CA VAL A 74 -19.41 -0.18 10.90
C VAL A 74 -20.03 1.15 10.48
N LYS A 75 -19.51 2.25 11.01
CA LYS A 75 -19.75 3.58 10.43
C LYS A 75 -18.68 3.91 9.34
N ARG A 76 -18.95 4.98 8.57
CA ARG A 76 -18.03 5.48 7.54
C ARG A 76 -16.67 5.76 8.17
N GLU A 77 -16.73 6.38 9.34
CA GLU A 77 -15.61 6.88 10.06
C GLU A 77 -14.73 5.80 10.69
N ASP A 78 -15.18 4.57 10.77
CA ASP A 78 -14.34 3.47 11.25
C ASP A 78 -13.58 2.84 10.05
N ILE A 79 -13.94 3.22 8.83
CA ILE A 79 -13.24 2.72 7.62
C ILE A 79 -12.17 3.72 7.17
N PHE A 80 -11.01 3.17 6.80
CA PHE A 80 -9.93 3.93 6.22
C PHE A 80 -9.81 3.40 4.79
N TYR A 81 -10.20 4.22 3.82
CA TYR A 81 -10.21 3.84 2.42
C TYR A 81 -9.17 4.68 1.65
N THR A 82 -8.32 3.99 0.92
CA THR A 82 -7.26 4.58 0.12
C THR A 82 -7.53 4.34 -1.35
N SER A 83 -7.21 5.33 -2.17
CA SER A 83 -7.12 5.16 -3.60
C SER A 83 -5.92 5.96 -4.09
N LYS A 84 -5.62 5.83 -5.40
CA LYS A 84 -4.38 6.28 -5.97
C LYS A 84 -4.58 6.83 -7.39
N LEU A 85 -3.90 7.97 -7.61
CA LEU A 85 -3.76 8.71 -8.85
C LEU A 85 -2.91 7.88 -9.81
N TRP A 86 -3.49 7.45 -10.93
CA TRP A 86 -2.76 6.75 -11.92
C TRP A 86 -1.76 7.71 -12.68
N SER A 87 -0.69 7.10 -13.19
CA SER A 87 0.51 7.73 -13.76
C SER A 87 0.35 8.51 -15.07
N THR A 88 -0.74 8.28 -15.77
CA THR A 88 -1.18 9.14 -16.89
C THR A 88 -1.78 10.51 -16.45
N PHE A 89 -2.00 10.69 -15.14
CA PHE A 89 -2.70 11.84 -14.63
C PHE A 89 -1.79 12.65 -13.70
N HIS A 90 -0.50 12.74 -14.05
CA HIS A 90 0.40 13.49 -13.23
C HIS A 90 0.27 14.99 -13.50
N ARG A 91 -0.08 15.42 -14.71
CA ARG A 91 -0.05 16.91 -14.92
C ARG A 91 -1.04 17.51 -13.93
N PRO A 92 -0.68 18.58 -13.26
CA PRO A 92 -1.51 19.01 -12.11
C PRO A 92 -3.02 19.24 -12.34
N GLU A 93 -3.42 19.76 -13.51
CA GLU A 93 -4.82 19.99 -13.84
C GLU A 93 -5.60 18.67 -13.98
N LEU A 94 -4.87 17.56 -14.02
CA LEU A 94 -5.51 16.28 -14.13
C LEU A 94 -5.78 15.63 -12.75
N VAL A 95 -5.26 16.18 -11.66
CA VAL A 95 -5.23 15.46 -10.38
C VAL A 95 -6.62 15.43 -9.67
N ARG A 96 -7.26 16.59 -9.47
CA ARG A 96 -8.59 16.63 -8.85
C ARG A 96 -9.67 15.91 -9.63
N PRO A 97 -9.69 16.10 -10.98
CA PRO A 97 -10.62 15.27 -11.74
C PRO A 97 -10.44 13.73 -11.61
N ALA A 98 -9.20 13.24 -11.45
CA ALA A 98 -9.00 11.78 -11.29
C ALA A 98 -9.51 11.34 -9.93
N LEU A 99 -9.35 12.19 -8.93
CA LEU A 99 -9.84 11.87 -7.58
C LEU A 99 -11.36 11.91 -7.57
N GLU A 100 -11.93 12.98 -8.13
CA GLU A 100 -13.38 13.08 -8.23
C GLU A 100 -13.91 11.83 -8.96
N ASN A 101 -13.24 11.42 -10.04
CA ASN A 101 -13.63 10.20 -10.74
C ASN A 101 -13.62 8.93 -9.86
N SER A 102 -12.48 8.69 -9.18
CA SER A 102 -12.43 7.59 -8.16
C SER A 102 -13.57 7.69 -7.08
N LEU A 103 -13.82 8.88 -6.54
CA LEU A 103 -14.96 9.06 -5.59
C LEU A 103 -16.35 8.63 -6.14
N LYS A 104 -16.62 8.96 -7.41
CA LYS A 104 -17.90 8.58 -8.03
C LYS A 104 -17.97 7.08 -8.32
N LYS A 105 -16.88 6.46 -8.76
CA LYS A 105 -16.92 5.02 -8.90
C LYS A 105 -17.27 4.33 -7.59
N ALA A 106 -16.84 4.92 -6.49
CA ALA A 106 -16.90 4.28 -5.19
C ALA A 106 -18.12 4.74 -4.43
N GLN A 107 -18.71 5.82 -4.90
CA GLN A 107 -19.94 6.37 -4.34
C GLN A 107 -19.73 6.75 -2.87
N LEU A 108 -18.60 7.41 -2.65
CA LEU A 108 -18.20 7.97 -1.36
C LEU A 108 -17.99 9.47 -1.52
N ASP A 109 -18.15 10.21 -0.44
CA ASP A 109 -17.92 11.64 -0.41
C ASP A 109 -16.41 12.04 -0.34
N TYR A 110 -15.57 11.11 0.11
CA TYR A 110 -14.19 11.38 0.36
C TYR A 110 -13.40 10.09 0.52
N VAL A 111 -12.08 10.22 0.31
CA VAL A 111 -11.14 9.14 0.59
C VAL A 111 -10.37 9.56 1.84
N ASP A 112 -10.02 8.57 2.66
CA ASP A 112 -9.21 8.81 3.83
C ASP A 112 -7.82 9.13 3.40
N LEU A 113 -7.38 8.52 2.28
CA LEU A 113 -6.01 8.67 1.77
C LEU A 113 -5.95 8.67 0.22
N TYR A 114 -5.25 9.66 -0.35
CA TYR A 114 -4.96 9.62 -1.77
C TYR A 114 -3.46 9.54 -1.99
N LEU A 115 -2.99 8.64 -2.86
CA LEU A 115 -1.58 8.56 -3.12
C LEU A 115 -1.26 8.83 -4.55
N ILE A 116 -0.14 9.45 -4.81
CA ILE A 116 0.46 9.28 -6.13
C ILE A 116 0.90 7.80 -6.24
N HIS A 117 0.39 7.09 -7.25
CA HIS A 117 0.56 5.62 -7.38
C HIS A 117 2.03 5.25 -7.69
N SER A 118 2.71 6.08 -8.49
CA SER A 118 4.10 5.85 -8.82
C SER A 118 4.71 7.16 -9.32
N PRO A 119 6.04 7.29 -9.22
CA PRO A 119 6.67 8.48 -9.81
C PRO A 119 6.94 8.33 -11.32
N MET A 120 6.60 7.20 -11.95
CA MET A 120 7.01 6.99 -13.30
C MET A 120 5.95 7.52 -14.21
N SER A 121 5.97 8.81 -14.54
CA SER A 121 4.97 9.42 -15.39
C SER A 121 4.89 8.80 -16.80
N LEU A 122 3.65 8.75 -17.32
CA LEU A 122 3.27 8.15 -18.59
C LEU A 122 2.42 9.13 -19.39
N LYS A 123 2.58 9.09 -20.72
CA LYS A 123 1.78 9.96 -21.64
C LYS A 123 0.31 9.74 -21.44
N PRO A 124 -0.46 10.81 -21.18
CA PRO A 124 -1.92 10.74 -21.30
C PRO A 124 -2.31 11.21 -22.70
N GLY A 125 -2.96 10.41 -23.54
CA GLY A 125 -3.21 8.99 -23.32
C GLY A 125 -3.49 8.33 -24.65
N ILE A 138 4.37 4.59 -23.15
CA ILE A 138 5.45 5.55 -23.38
C ILE A 138 5.54 6.68 -22.31
N PHE A 139 6.76 7.15 -22.04
CA PHE A 139 7.01 7.91 -20.81
C PHE A 139 6.66 9.40 -20.96
N ASP A 140 6.41 10.09 -19.86
CA ASP A 140 6.17 11.54 -19.88
C ASP A 140 7.16 12.21 -18.94
N ILE A 141 7.39 13.50 -19.12
CA ILE A 141 8.17 14.30 -18.20
C ILE A 141 7.32 15.36 -17.53
N VAL A 142 7.22 15.24 -16.20
CA VAL A 142 6.34 16.08 -15.38
C VAL A 142 7.03 16.37 -14.08
N ASP A 143 7.00 17.64 -13.72
CA ASP A 143 7.55 18.09 -12.46
C ASP A 143 6.64 17.62 -11.31
N LEU A 144 7.05 16.59 -10.60
CA LEU A 144 6.20 16.01 -9.55
C LEU A 144 5.94 16.93 -8.37
N CYS A 145 6.68 18.02 -8.23
CA CYS A 145 6.27 19.01 -7.25
C CYS A 145 4.94 19.71 -7.63
N THR A 146 4.67 19.88 -8.93
CA THR A 146 3.41 20.51 -9.42
C THR A 146 2.24 19.55 -9.19
N THR A 147 2.44 18.26 -9.42
CA THR A 147 1.46 17.19 -9.06
C THR A 147 1.11 17.28 -7.57
N TRP A 148 2.16 17.39 -6.75
CA TRP A 148 1.97 17.42 -5.28
C TRP A 148 1.15 18.65 -4.82
N GLU A 149 1.53 19.83 -5.27
CA GLU A 149 0.68 21.06 -5.08
C GLU A 149 -0.76 20.78 -5.38
N ALA A 150 -0.99 20.10 -6.46
CA ALA A 150 -2.36 19.75 -6.84
C ALA A 150 -2.97 18.76 -5.83
N MET A 151 -2.18 17.84 -5.29
CA MET A 151 -2.69 16.89 -4.26
C MET A 151 -3.09 17.66 -2.99
N GLU A 152 -2.31 18.67 -2.66
CA GLU A 152 -2.59 19.52 -1.49
C GLU A 152 -3.93 20.19 -1.60
N LYS A 153 -4.26 20.72 -2.80
CA LYS A 153 -5.57 21.40 -3.02
C LYS A 153 -6.73 20.42 -2.83
N CYS A 154 -6.56 19.18 -3.27
CA CYS A 154 -7.53 18.12 -2.89
C CYS A 154 -7.75 17.92 -1.41
N LYS A 155 -6.69 17.97 -0.63
CA LYS A 155 -6.85 17.93 0.82
C LYS A 155 -7.55 19.22 1.33
N ASP A 156 -7.09 20.37 0.86
CA ASP A 156 -7.76 21.62 1.25
C ASP A 156 -9.24 21.61 0.84
N ALA A 157 -9.61 20.92 -0.22
CA ALA A 157 -11.01 20.84 -0.59
C ALA A 157 -11.82 19.80 0.22
N GLY A 158 -11.14 18.93 0.97
CA GLY A 158 -11.86 17.92 1.78
C GLY A 158 -12.20 16.71 0.97
N LEU A 159 -11.59 16.54 -0.20
CA LEU A 159 -11.83 15.39 -1.08
C LEU A 159 -11.02 14.19 -0.58
N ALA A 160 -9.90 14.46 0.07
CA ALA A 160 -9.05 13.44 0.71
C ALA A 160 -8.69 13.96 2.09
N LYS A 161 -8.85 13.11 3.09
CA LYS A 161 -8.47 13.46 4.46
C LYS A 161 -6.97 13.68 4.57
N SER A 162 -6.23 12.76 3.95
CA SER A 162 -4.75 12.73 3.91
C SER A 162 -4.19 12.45 2.55
N ILE A 163 -3.00 12.98 2.27
CA ILE A 163 -2.30 12.73 1.02
C ILE A 163 -0.93 12.11 1.21
N GLY A 164 -0.49 11.32 0.24
CA GLY A 164 0.77 10.57 0.35
C GLY A 164 1.29 10.18 -1.04
N VAL A 165 2.43 9.45 -1.05
CA VAL A 165 3.09 8.97 -2.25
C VAL A 165 3.23 7.44 -2.18
N SER A 166 3.43 6.81 -3.34
CA SER A 166 3.78 5.42 -3.42
C SER A 166 4.93 5.18 -4.43
N ASN A 167 5.80 4.19 -4.15
CA ASN A 167 6.95 3.85 -5.02
C ASN A 167 8.00 4.96 -5.16
N PHE A 168 8.05 5.84 -4.18
CA PHE A 168 9.12 6.82 -4.14
C PHE A 168 10.31 6.19 -3.41
N ASN A 169 11.50 6.48 -3.95
CA ASN A 169 12.72 6.25 -3.24
C ASN A 169 13.02 7.51 -2.36
N ARG A 170 14.11 7.44 -1.62
CA ARG A 170 14.46 8.50 -0.67
C ARG A 170 14.64 9.89 -1.36
N ARG A 171 15.39 9.93 -2.45
CA ARG A 171 15.73 11.20 -3.09
C ARG A 171 14.47 11.84 -3.66
N GLN A 172 13.51 11.03 -4.07
CA GLN A 172 12.28 11.53 -4.70
C GLN A 172 11.41 12.11 -3.63
N LEU A 173 11.49 11.53 -2.42
CA LEU A 173 10.81 12.09 -1.23
C LEU A 173 11.35 13.45 -0.79
N GLU A 174 12.66 13.50 -0.67
CA GLU A 174 13.38 14.74 -0.38
C GLU A 174 12.99 15.83 -1.34
N MET A 175 12.75 15.52 -2.61
CA MET A 175 12.32 16.59 -3.54
C MET A 175 11.03 17.30 -3.14
N ILE A 176 10.05 16.53 -2.69
CA ILE A 176 8.81 17.11 -2.20
C ILE A 176 8.98 17.84 -0.84
N LEU A 177 9.69 17.21 0.09
CA LEU A 177 9.95 17.77 1.41
C LEU A 177 10.75 19.09 1.35
N ASN A 178 11.56 19.29 0.31
CA ASN A 178 12.39 20.48 0.18
C ASN A 178 11.74 21.56 -0.72
N LYS A 179 10.53 21.27 -1.22
CA LYS A 179 9.79 22.19 -2.07
C LYS A 179 9.50 23.56 -1.44
N PRO A 180 9.83 24.64 -2.19
CA PRO A 180 9.40 25.98 -1.73
C PRO A 180 7.88 26.07 -1.46
N GLY A 181 7.52 26.58 -0.28
CA GLY A 181 6.14 26.81 0.09
C GLY A 181 5.34 25.52 0.36
N LEU A 182 6.03 24.45 0.75
CA LEU A 182 5.34 23.16 0.97
C LEU A 182 4.23 23.36 1.95
N LYS A 183 3.04 22.86 1.68
CA LYS A 183 2.00 23.01 2.69
C LYS A 183 1.77 21.75 3.52
N TYR A 184 1.79 20.58 2.89
CA TYR A 184 1.56 19.32 3.60
C TYR A 184 2.58 18.30 3.18
N LYS A 185 3.31 17.73 4.16
CA LYS A 185 4.20 16.60 3.90
C LYS A 185 3.33 15.39 3.55
N PRO A 186 3.87 14.49 2.72
CA PRO A 186 3.18 13.21 2.53
C PRO A 186 2.99 12.48 3.84
N VAL A 187 1.84 11.86 4.08
CA VAL A 187 1.65 11.14 5.37
C VAL A 187 2.39 9.77 5.36
N CYS A 188 2.64 9.22 4.17
CA CYS A 188 3.19 7.87 4.02
C CYS A 188 3.86 7.74 2.65
N ASN A 189 4.63 6.67 2.53
CA ASN A 189 5.15 6.21 1.27
C ASN A 189 4.85 4.71 1.25
N GLN A 190 3.98 4.27 0.35
CA GLN A 190 3.69 2.85 0.14
C GLN A 190 4.64 2.29 -0.90
N VAL A 191 5.53 1.37 -0.45
CA VAL A 191 6.55 0.75 -1.25
C VAL A 191 6.56 -0.81 -1.06
N GLU A 192 7.21 -1.52 -1.98
CA GLU A 192 7.42 -2.94 -1.84
C GLU A 192 8.33 -3.14 -0.61
N CYS A 193 7.92 -4.00 0.30
CA CYS A 193 8.68 -4.19 1.57
C CYS A 193 8.37 -5.57 2.14
N HIS A 194 9.40 -6.39 2.38
CA HIS A 194 9.20 -7.77 2.92
C HIS A 194 10.62 -8.29 3.30
N PRO A 195 10.72 -9.48 3.90
CA PRO A 195 12.00 -10.01 4.40
C PRO A 195 13.07 -10.24 3.30
N TYR A 196 12.69 -10.29 2.01
CA TYR A 196 13.72 -10.37 0.97
C TYR A 196 14.11 -8.97 0.43
N PHE A 197 13.42 -7.91 0.90
CA PHE A 197 13.62 -6.54 0.40
C PHE A 197 13.10 -5.58 1.48
N ASN A 198 13.82 -5.42 2.59
CA ASN A 198 13.22 -4.91 3.81
C ASN A 198 13.24 -3.38 4.00
N ARG A 199 13.97 -2.68 3.13
CA ARG A 199 13.92 -1.23 2.97
C ARG A 199 14.30 -0.50 4.21
N SER A 200 15.15 -1.11 5.03
CA SER A 200 15.45 -0.54 6.34
C SER A 200 16.07 0.85 6.31
N LYS A 201 16.99 1.16 5.41
CA LYS A 201 17.50 2.58 5.26
C LYS A 201 16.37 3.56 4.91
N LEU A 202 15.53 3.20 3.93
CA LEU A 202 14.38 4.06 3.60
C LEU A 202 13.45 4.17 4.80
N LEU A 203 13.35 3.11 5.62
CA LEU A 203 12.43 3.14 6.76
C LEU A 203 12.96 4.06 7.80
N ASP A 204 14.25 3.94 8.08
CA ASP A 204 14.92 4.90 8.98
C ASP A 204 14.72 6.40 8.51
N PHE A 205 14.79 6.65 7.21
CA PHE A 205 14.59 8.02 6.70
C PHE A 205 13.12 8.49 6.88
N CYS A 206 12.17 7.64 6.53
CA CYS A 206 10.78 7.94 6.79
C CYS A 206 10.46 8.28 8.29
N LYS A 207 10.88 7.41 9.20
CA LYS A 207 10.82 7.67 10.61
C LYS A 207 11.43 9.05 11.03
N SER A 208 12.64 9.38 10.57
CA SER A 208 13.26 10.68 10.90
C SER A 208 12.38 11.87 10.41
N LYS A 209 11.53 11.64 9.41
CA LYS A 209 10.62 12.68 8.93
C LYS A 209 9.11 12.54 9.32
N ASP A 210 8.72 11.61 10.21
CA ASP A 210 7.29 11.38 10.61
C ASP A 210 6.40 11.05 9.35
N ILE A 211 6.98 10.27 8.43
CA ILE A 211 6.29 9.67 7.26
C ILE A 211 6.12 8.13 7.54
N VAL A 212 4.92 7.60 7.46
CA VAL A 212 4.67 6.13 7.64
C VAL A 212 5.08 5.34 6.39
N LEU A 213 5.96 4.36 6.57
CA LEU A 213 6.16 3.37 5.54
C LEU A 213 5.03 2.33 5.53
N VAL A 214 4.42 2.14 4.36
CA VAL A 214 3.36 1.14 4.22
C VAL A 214 3.90 0.04 3.29
N ALA A 215 3.81 -1.20 3.74
CA ALA A 215 4.43 -2.27 3.02
C ALA A 215 3.43 -2.94 2.14
N TYR A 216 3.75 -3.01 0.86
CA TYR A 216 3.04 -3.90 -0.08
C TYR A 216 3.91 -5.09 -0.51
N SER A 217 3.25 -6.13 -1.01
CA SER A 217 3.85 -7.43 -1.35
C SER A 217 4.56 -7.93 -0.13
N ALA A 218 3.94 -7.67 1.04
CA ALA A 218 4.47 -8.09 2.35
C ALA A 218 4.47 -9.64 2.50
N LEU A 219 3.69 -10.31 1.66
CA LEU A 219 3.68 -11.78 1.68
C LEU A 219 4.33 -12.35 0.44
N GLY A 220 5.12 -11.53 -0.29
CA GLY A 220 5.91 -12.01 -1.41
C GLY A 220 5.27 -11.81 -2.77
N SER A 221 4.16 -11.07 -2.82
CA SER A 221 3.46 -10.72 -4.06
C SER A 221 2.65 -11.90 -4.61
N GLN A 222 1.75 -11.58 -5.53
CA GLN A 222 1.03 -12.53 -6.34
C GLN A 222 1.82 -13.27 -7.43
N ARG A 223 3.06 -12.83 -7.70
CA ARG A 223 3.88 -13.56 -8.66
C ARG A 223 3.21 -13.59 -10.04
N ASP A 224 2.56 -12.50 -10.42
CA ASP A 224 1.99 -12.36 -11.79
C ASP A 224 3.07 -12.36 -12.87
N LYS A 225 2.96 -13.29 -13.82
CA LYS A 225 4.01 -13.46 -14.91
C LYS A 225 4.32 -12.17 -15.73
N ARG A 226 3.44 -11.17 -15.67
CA ARG A 226 3.67 -9.93 -16.41
C ARG A 226 4.79 -9.11 -15.83
N TRP A 227 5.06 -9.30 -14.55
CA TRP A 227 6.08 -8.54 -13.84
C TRP A 227 7.05 -9.35 -12.98
N VAL A 228 6.71 -10.59 -12.60
CA VAL A 228 7.52 -11.35 -11.64
C VAL A 228 8.16 -12.59 -12.25
N ASP A 229 9.48 -12.71 -12.11
CA ASP A 229 10.15 -13.92 -12.65
C ASP A 229 9.72 -15.14 -11.80
N PRO A 230 9.20 -16.19 -12.45
CA PRO A 230 8.76 -17.37 -11.63
C PRO A 230 9.95 -18.18 -11.02
N ASN A 231 11.18 -17.87 -11.43
CA ASN A 231 12.36 -18.44 -10.82
C ASN A 231 12.66 -17.82 -9.44
N SER A 232 12.09 -16.65 -9.15
CA SER A 232 12.38 -15.99 -7.87
C SER A 232 11.93 -16.89 -6.69
N PRO A 233 12.66 -16.83 -5.57
CA PRO A 233 12.24 -17.59 -4.38
C PRO A 233 10.88 -17.14 -3.84
N VAL A 234 10.12 -18.14 -3.40
CA VAL A 234 8.78 -17.94 -2.94
C VAL A 234 8.88 -17.50 -1.48
N LEU A 235 8.49 -16.27 -1.16
CA LEU A 235 8.73 -15.78 0.21
C LEU A 235 8.15 -16.74 1.27
N LEU A 236 6.93 -17.21 1.06
CA LEU A 236 6.25 -18.02 2.10
C LEU A 236 6.72 -19.49 2.17
N GLU A 237 7.72 -19.84 1.38
CA GLU A 237 8.42 -21.14 1.45
C GLU A 237 9.78 -21.00 2.13
N ASP A 238 10.10 -19.77 2.59
CA ASP A 238 11.41 -19.55 3.15
C ASP A 238 11.64 -20.41 4.43
N PRO A 239 12.84 -20.99 4.58
CA PRO A 239 13.00 -21.98 5.66
C PRO A 239 13.12 -21.36 7.04
N VAL A 240 13.64 -20.15 7.15
CA VAL A 240 13.69 -19.44 8.42
C VAL A 240 12.27 -18.96 8.84
N LEU A 241 11.48 -18.41 7.89
CA LEU A 241 10.09 -18.08 8.24
C LEU A 241 9.29 -19.39 8.64
N CYS A 242 9.58 -20.50 7.98
CA CYS A 242 8.91 -21.76 8.31
CA CYS A 242 8.94 -21.80 8.30
C CYS A 242 9.29 -22.22 9.73
N ALA A 243 10.58 -22.18 10.06
CA ALA A 243 11.04 -22.56 11.42
C ALA A 243 10.40 -21.65 12.49
N LEU A 244 10.27 -20.34 12.19
CA LEU A 244 9.65 -19.37 13.12
C LEU A 244 8.17 -19.62 13.28
N ALA A 245 7.51 -19.93 12.19
CA ALA A 245 6.14 -20.33 12.20
C ALA A 245 5.91 -21.55 13.14
N LYS A 246 6.80 -22.52 13.08
CA LYS A 246 6.67 -23.73 13.93
C LYS A 246 7.02 -23.39 15.36
N LYS A 247 8.06 -22.58 15.58
CA LYS A 247 8.33 -22.11 16.95
C LYS A 247 7.13 -21.41 17.59
N HIS A 248 6.41 -20.58 16.81
CA HIS A 248 5.27 -19.85 17.39
C HIS A 248 3.92 -20.53 17.15
N LYS A 249 3.90 -21.63 16.39
CA LYS A 249 2.69 -22.33 15.99
C LYS A 249 1.66 -21.37 15.33
N ARG A 250 2.21 -20.56 14.43
CA ARG A 250 1.47 -19.67 13.53
C ARG A 250 1.77 -20.13 12.08
N THR A 251 1.85 -19.17 11.15
CA THR A 251 2.07 -19.48 9.78
C THR A 251 3.14 -18.53 9.29
N PRO A 252 3.81 -18.92 8.21
CA PRO A 252 4.80 -18.06 7.58
C PRO A 252 4.24 -16.68 7.15
N ALA A 253 3.03 -16.65 6.62
CA ALA A 253 2.37 -15.32 6.33
C ALA A 253 2.29 -14.46 7.58
N LEU A 254 1.93 -15.10 8.69
CA LEU A 254 1.72 -14.37 9.92
C LEU A 254 3.03 -13.81 10.49
N ILE A 255 4.09 -14.55 10.33
CA ILE A 255 5.42 -14.12 10.75
C ILE A 255 5.81 -12.88 9.89
N ALA A 256 5.54 -12.93 8.59
CA ALA A 256 5.95 -11.80 7.64
C ALA A 256 5.18 -10.56 7.96
N LEU A 257 3.96 -10.76 8.42
CA LEU A 257 3.09 -9.65 8.77
C LEU A 257 3.53 -9.07 10.08
N ARG A 258 3.80 -9.98 11.02
CA ARG A 258 4.15 -9.51 12.38
C ARG A 258 5.51 -8.75 12.45
N TYR A 259 6.45 -9.17 11.65
CA TYR A 259 7.74 -8.49 11.49
C TYR A 259 7.57 -7.02 11.14
N GLN A 260 6.64 -6.73 10.22
CA GLN A 260 6.44 -5.38 9.79
C GLN A 260 5.85 -4.54 10.90
N LEU A 261 4.89 -5.08 11.63
CA LEU A 261 4.29 -4.25 12.72
C LEU A 261 5.32 -3.85 13.83
N GLN A 262 6.19 -4.79 14.20
CA GLN A 262 7.22 -4.56 15.20
C GLN A 262 8.36 -3.69 14.69
N ARG A 263 8.50 -3.53 13.37
CA ARG A 263 9.43 -2.47 12.84
C ARG A 263 8.79 -1.08 12.63
N GLY A 264 7.54 -0.88 13.03
CA GLY A 264 6.93 0.45 12.87
C GLY A 264 6.29 0.65 11.50
N VAL A 265 6.19 -0.43 10.73
CA VAL A 265 5.62 -0.46 9.37
C VAL A 265 4.14 -0.92 9.35
N VAL A 266 3.34 -0.13 8.63
CA VAL A 266 1.96 -0.45 8.36
C VAL A 266 1.94 -1.48 7.22
N VAL A 267 1.18 -2.56 7.39
CA VAL A 267 1.25 -3.67 6.45
C VAL A 267 -0.10 -3.98 5.75
N LEU A 268 -0.04 -4.13 4.42
CA LEU A 268 -1.14 -4.60 3.65
C LEU A 268 -1.05 -6.08 3.52
N ALA A 269 -2.20 -6.70 3.35
CA ALA A 269 -2.27 -8.16 3.10
C ALA A 269 -3.42 -8.43 2.11
N LYS A 270 -3.12 -8.81 0.85
CA LYS A 270 -4.20 -9.24 -0.09
C LYS A 270 -4.46 -10.73 0.03
N SER A 271 -5.74 -11.07 0.18
CA SER A 271 -6.20 -12.44 0.03
C SER A 271 -7.66 -12.44 -0.45
N TYR A 272 -7.94 -13.28 -1.44
CA TYR A 272 -9.28 -13.52 -1.95
C TYR A 272 -9.89 -14.90 -1.44
N ASN A 273 -9.33 -15.42 -0.36
CA ASN A 273 -9.74 -16.72 0.24
C ASN A 273 -10.24 -16.42 1.66
N GLU A 274 -11.48 -16.84 1.91
CA GLU A 274 -12.11 -16.71 3.23
C GLU A 274 -11.21 -17.08 4.41
N GLN A 275 -10.46 -18.15 4.31
CA GLN A 275 -9.77 -18.64 5.52
C GLN A 275 -8.48 -17.83 5.79
N ARG A 276 -7.78 -17.49 4.72
CA ARG A 276 -6.58 -16.68 4.82
C ARG A 276 -6.93 -15.28 5.28
N ILE A 277 -8.08 -14.74 4.85
CA ILE A 277 -8.56 -13.44 5.33
C ILE A 277 -8.74 -13.38 6.82
N ARG A 278 -9.41 -14.39 7.39
CA ARG A 278 -9.57 -14.53 8.82
C ARG A 278 -8.23 -14.82 9.50
N GLN A 279 -7.40 -15.68 8.94
CA GLN A 279 -6.09 -15.97 9.57
C GLN A 279 -5.25 -14.67 9.73
N ASN A 280 -5.23 -13.85 8.69
CA ASN A 280 -4.34 -12.66 8.69
C ASN A 280 -4.61 -11.71 9.86
N VAL A 281 -5.83 -11.58 10.36
CA VAL A 281 -6.08 -10.66 11.47
C VAL A 281 -5.48 -11.16 12.75
N GLN A 282 -4.93 -12.40 12.73
CA GLN A 282 -4.31 -12.98 13.93
C GLN A 282 -2.96 -12.35 14.20
N VAL A 283 -2.46 -11.59 13.24
CA VAL A 283 -1.20 -10.88 13.45
C VAL A 283 -1.22 -10.10 14.79
N PHE A 284 -2.38 -9.64 15.23
CA PHE A 284 -2.45 -8.92 16.49
C PHE A 284 -2.31 -9.80 17.78
N GLU A 285 -2.29 -11.12 17.64
CA GLU A 285 -2.47 -11.97 18.81
C GLU A 285 -1.18 -12.56 19.37
N PHE A 286 -0.02 -12.30 18.74
CA PHE A 286 1.26 -12.85 19.25
C PHE A 286 2.40 -11.85 18.91
N GLN A 287 3.55 -12.09 19.55
CA GLN A 287 4.77 -11.30 19.40
C GLN A 287 5.97 -12.16 18.97
N LEU A 288 6.87 -11.52 18.23
CA LEU A 288 8.20 -12.03 17.95
C LEU A 288 9.23 -11.46 18.92
N THR A 289 10.24 -12.27 19.28
CA THR A 289 11.38 -11.80 20.07
C THR A 289 12.43 -11.02 19.23
N ALA A 290 13.30 -10.28 19.91
CA ALA A 290 14.46 -9.64 19.30
C ALA A 290 15.31 -10.60 18.45
N GLU A 291 15.58 -11.81 18.95
CA GLU A 291 16.33 -12.80 18.17
C GLU A 291 15.54 -13.24 16.94
N ASP A 292 14.22 -13.43 17.06
CA ASP A 292 13.38 -13.73 15.88
C ASP A 292 13.53 -12.61 14.83
N MET A 293 13.48 -11.37 15.30
CA MET A 293 13.49 -10.19 14.40
C MET A 293 14.85 -10.10 13.70
N LYS A 294 15.89 -10.49 14.40
CA LYS A 294 17.21 -10.48 13.82
C LYS A 294 17.35 -11.58 12.71
N ALA A 295 16.81 -12.78 12.97
CA ALA A 295 16.88 -13.88 11.99
C ALA A 295 16.16 -13.39 10.71
N ILE A 296 15.05 -12.69 10.87
CA ILE A 296 14.28 -12.19 9.72
C ILE A 296 15.07 -11.08 9.02
N ASP A 297 15.68 -10.17 9.77
CA ASP A 297 16.49 -9.13 9.16
C ASP A 297 17.61 -9.77 8.34
N GLY A 298 18.08 -10.98 8.71
CA GLY A 298 19.15 -11.70 7.91
C GLY A 298 18.76 -12.27 6.55
N LEU A 299 17.47 -12.32 6.22
CA LEU A 299 16.98 -12.73 4.88
C LEU A 299 17.10 -11.69 3.73
N ASP A 300 17.30 -10.41 4.08
CA ASP A 300 17.35 -9.28 3.11
C ASP A 300 18.31 -9.59 1.92
N ARG A 301 17.84 -9.53 0.68
CA ARG A 301 18.74 -9.83 -0.47
C ARG A 301 18.43 -9.00 -1.70
N ASN A 302 17.94 -7.77 -1.50
CA ASN A 302 17.60 -6.85 -2.61
C ASN A 302 16.71 -7.42 -3.67
N LEU A 303 15.69 -8.15 -3.26
CA LEU A 303 14.84 -8.85 -4.19
C LEU A 303 13.52 -8.08 -4.31
N HIS A 304 13.37 -7.22 -5.34
CA HIS A 304 12.08 -6.61 -5.62
C HIS A 304 11.39 -7.44 -6.63
N TYR A 305 10.25 -8.05 -6.26
CA TYR A 305 9.60 -9.00 -7.11
C TYR A 305 9.12 -8.38 -8.46
N PHE A 306 8.60 -7.14 -8.38
CA PHE A 306 8.26 -6.40 -9.60
C PHE A 306 9.59 -5.96 -10.28
N ASN A 307 9.84 -6.54 -11.45
CA ASN A 307 11.12 -6.40 -12.13
C ASN A 307 10.98 -6.64 -13.64
N SER A 308 10.49 -5.61 -14.33
CA SER A 308 10.09 -5.71 -15.74
C SER A 308 10.77 -4.68 -16.67
N ASP A 309 11.10 -5.12 -17.88
CA ASP A 309 11.63 -4.25 -18.95
C ASP A 309 10.68 -3.05 -19.15
N SER A 310 9.38 -3.21 -18.87
CA SER A 310 8.45 -2.16 -19.27
C SER A 310 8.57 -0.89 -18.42
N PHE A 311 9.21 -0.97 -17.25
CA PHE A 311 9.52 0.21 -16.44
C PHE A 311 10.98 0.43 -16.10
N ALA A 312 11.80 -0.61 -16.27
CA ALA A 312 13.15 -0.64 -15.68
C ALA A 312 14.04 0.48 -16.22
N SER A 313 13.73 1.02 -17.37
CA SER A 313 14.56 2.15 -17.88
C SER A 313 13.78 3.45 -17.94
N HIS A 314 12.73 3.55 -17.10
CA HIS A 314 11.97 4.80 -16.97
C HIS A 314 12.87 5.82 -16.26
N PRO A 315 12.89 7.09 -16.73
CA PRO A 315 13.69 8.15 -16.08
C PRO A 315 13.58 8.28 -14.57
N ASN A 316 12.43 7.96 -13.99
CA ASN A 316 12.24 8.08 -12.54
C ASN A 316 11.98 6.70 -11.91
N TYR A 317 12.57 5.67 -12.49
CA TYR A 317 12.51 4.31 -11.95
C TYR A 317 13.00 4.38 -10.51
N PRO A 318 12.23 3.87 -9.53
CA PRO A 318 12.73 4.08 -8.19
C PRO A 318 13.94 3.24 -7.83
N TYR A 319 14.13 2.08 -8.45
CA TYR A 319 15.18 1.17 -7.94
C TYR A 319 16.55 1.49 -8.52
N SER A 320 16.61 2.51 -9.36
CA SER A 320 17.91 3.10 -9.74
C SER A 320 18.78 3.66 -8.57
N ASP A 321 18.30 3.72 -7.31
CA ASP A 321 19.14 4.23 -6.18
C ASP A 321 19.57 3.24 -5.07
N GLU A 322 19.33 1.92 -5.25
CA GLU A 322 20.06 0.84 -4.50
C GLU A 322 20.08 0.95 -2.94
PA NAP B . 0.53 -9.92 -1.03
O1A NAP B . -0.09 -9.19 0.08
O2A NAP B . 1.98 -10.13 -1.07
O5B NAP B . -0.12 -11.39 -1.06
C5B NAP B . 0.53 -12.39 -1.84
C4B NAP B . -0.36 -13.67 -2.01
O4B NAP B . -0.34 -14.20 -0.63
C3B NAP B . -1.80 -13.33 -2.30
O3B NAP B . -2.15 -13.53 -3.73
C2B NAP B . -2.62 -14.28 -1.40
O2B NAP B . -3.21 -15.37 -2.17
C1B NAP B . -1.56 -14.94 -0.50
N9A NAP B . -1.90 -14.90 0.92
C8A NAP B . -2.49 -13.97 1.67
N7A NAP B . -2.56 -14.45 2.95
C5A NAP B . -2.02 -15.66 2.97
C6A NAP B . -1.83 -16.62 3.99
N6A NAP B . -2.27 -16.45 5.28
N1A NAP B . -1.10 -17.77 3.68
C2A NAP B . -0.52 -18.05 2.33
N3A NAP B . -0.99 -17.12 1.27
C4A NAP B . -1.63 -15.94 1.66
O3 NAP B . -0.11 -9.44 -2.42
PN NAP B . 0.04 -8.02 -3.21
O1N NAP B . -1.17 -7.89 -4.09
O2N NAP B . 1.32 -8.02 -3.93
O5D NAP B . 0.14 -6.89 -2.07
C5D NAP B . -1.04 -6.51 -1.31
C4D NAP B . -1.77 -5.22 -1.89
O4D NAP B . -0.80 -4.24 -1.98
C3D NAP B . -2.26 -5.25 -3.30
O3D NAP B . -3.42 -6.04 -3.37
C2D NAP B . -2.54 -3.73 -3.46
O2D NAP B . -3.62 -3.22 -2.64
C1D NAP B . -1.24 -3.20 -2.89
N1N NAP B . -0.14 -3.06 -3.87
C2N NAP B . 0.27 -1.75 -4.24
C3N NAP B . 1.29 -1.57 -5.18
C7N NAP B . 1.75 -0.16 -5.59
O7N NAP B . 2.33 0.05 -6.66
N7N NAP B . 1.55 0.81 -4.69
C4N NAP B . 1.91 -2.70 -5.71
C5N NAP B . 1.53 -4.00 -5.31
C6N NAP B . 0.50 -4.20 -4.40
P2B NAP B . -4.75 -15.82 -1.85
O1X NAP B . -5.62 -14.67 -2.39
O2X NAP B . -5.05 -17.24 -2.42
O3X NAP B . -4.97 -16.10 -0.30
CAK 0SL C . 4.32 -0.62 -10.16
CAS 0SL C . 5.71 -0.83 -10.05
CAI 0SL C . 6.40 -0.33 -8.99
CAF 0SL C . 7.79 -0.56 -8.89
CAE 0SL C . 8.49 -1.34 -9.83
CAH 0SL C . 7.79 -1.87 -10.90
CAR 0SL C . 6.40 -1.61 -11.00
CAJ 0SL C . 5.74 -2.16 -12.08
CAG 0SL C . 4.38 -1.93 -12.21
CAQ 0SL C . 3.69 -1.14 -11.28
SAV 0SL C . 2.07 -1.00 -11.58
OAB 0SL C . 1.93 -1.31 -13.02
OAC 0SL C . 1.68 0.38 -11.14
NAU 0SL C . 1.47 -2.34 -10.71
CAO 0SL C . 0.77 -1.90 -9.47
CAN 0SL C . 0.85 -3.36 -11.58
CAL 0SL C . 0.30 -4.59 -10.83
CAM 0SL C . 0.02 -4.32 -9.37
CAT 0SL C . -0.34 -2.85 -9.11
CAP 0SL C . -0.71 -2.63 -7.63
OAD 0SL C . -1.12 -3.64 -7.02
OAA 0SL C . -0.70 -1.43 -7.21
C1 EDO D . -6.71 -2.54 12.39
O1 EDO D . -5.31 -2.25 12.14
C2 EDO D . -7.34 -3.51 11.39
O2 EDO D . -7.43 -3.00 10.04
C ACT E . 3.82 3.25 -13.47
O ACT E . 4.10 2.98 -14.65
OXT ACT E . 3.69 4.47 -13.28
CH3 ACT E . 3.70 2.19 -12.40
#